data_4JYE
#
_entry.id   4JYE
#
_cell.length_a   51.196
_cell.length_b   79.899
_cell.length_c   86.594
_cell.angle_alpha   90.00
_cell.angle_beta   90.00
_cell.angle_gamma   90.00
#
_symmetry.space_group_name_H-M   'P 21 21 21'
#
loop_
_entity.id
_entity.type
_entity.pdbx_description
1 polymer 'Biotin synthetase, putative'
2 non-polymer 'IRON/SULFUR CLUSTER'
3 non-polymer S-ADENOSYL-L-HOMOCYSTEINE
4 non-polymer CHAPSO
5 non-polymer 'FE3-S4 CLUSTER'
6 non-polymer 'BROMIDE ION'
7 non-polymer 'CARBONATE ION'
8 water water
#
_entity_poly.entity_id   1
_entity_poly.type   'polypeptide(L)'
_entity_poly.pdbx_seq_one_letter_code
;MTGREILEKLERREFTREVLKEALSINDRGFNEALFKLADEIRRKYVGDEVHIRAIIEFSNVCRKNCLYCGLRRDNKNLK
RYRMTPEEIVERARLAVQFGAKTIVLQSGEDPY(OTY)MPDVISDIVKEIKKMGVAVTLSLGEWPREYYEKWKEAGADRY
LLRHETANPVLHRKLRPDTSFENRLNCLLTLKELGYETGAGSMVGLPGQTIDDLVDDLLFLKEHDFDMVGIGPFIPHPDT
PLANEKKGDFTLTLKMVALTRILLPDSNIPATTAMGTIVPGGREITLRCGANVIMPNWTPSPYRQLYQLYPGKICVFEKD
TACIPCVMKMIELLGRKPGRDWGGRKRVFETV
;
_entity_poly.pdbx_strand_id   A
#
# COMPACT_ATOMS: atom_id res chain seq x y z
N MET A 1 -9.15 17.64 -25.07
CA MET A 1 -10.02 16.49 -25.46
C MET A 1 -11.27 16.44 -24.59
N THR A 2 -12.36 15.91 -25.14
CA THR A 2 -13.57 15.63 -24.35
C THR A 2 -13.37 14.34 -23.55
N GLY A 3 -14.19 14.17 -22.51
CA GLY A 3 -14.17 12.93 -21.71
C GLY A 3 -14.29 11.69 -22.55
N ARG A 4 -15.18 11.71 -23.55
CA ARG A 4 -15.35 10.54 -24.43
C ARG A 4 -14.05 10.20 -25.14
N GLU A 5 -13.34 11.23 -25.57
CA GLU A 5 -12.13 10.99 -26.35
C GLU A 5 -11.00 10.48 -25.46
N ILE A 6 -10.93 10.98 -24.23
CA ILE A 6 -9.93 10.49 -23.27
C ILE A 6 -10.16 9.03 -22.91
N LEU A 7 -11.43 8.65 -22.70
CA LEU A 7 -11.77 7.23 -22.44
C LEU A 7 -11.38 6.33 -23.62
N GLU A 8 -11.69 6.78 -24.83
CA GLU A 8 -11.29 6.02 -26.01
C GLU A 8 -9.77 5.85 -26.10
N LYS A 9 -9.02 6.90 -25.77
CA LYS A 9 -7.54 6.78 -25.76
C LYS A 9 -7.05 5.81 -24.67
N LEU A 10 -7.63 5.88 -23.48
CA LEU A 10 -7.31 4.92 -22.41
C LEU A 10 -7.66 3.48 -22.84
N GLU A 11 -8.80 3.31 -23.50
CA GLU A 11 -9.17 1.98 -24.00
C GLU A 11 -8.19 1.45 -25.02
N ARG A 12 -7.62 2.33 -25.86
CA ARG A 12 -6.60 1.93 -26.86
C ARG A 12 -5.16 1.98 -26.28
N ARG A 13 -5.03 2.24 -24.99
CA ARG A 13 -3.74 2.28 -24.31
C ARG A 13 -2.74 3.32 -24.82
N GLU A 14 -3.28 4.46 -25.20
CA GLU A 14 -2.47 5.62 -25.60
C GLU A 14 -2.25 6.47 -24.34
N PHE A 15 -1.29 6.05 -23.53
CA PHE A 15 -1.07 6.57 -22.20
C PHE A 15 -0.10 7.73 -22.15
N THR A 16 -0.43 8.78 -22.89
CA THR A 16 0.44 9.94 -22.97
C THR A 16 0.28 10.75 -21.71
N ARG A 17 1.27 11.57 -21.41
CA ARG A 17 1.15 12.53 -20.32
C ARG A 17 -0.11 13.38 -20.43
N GLU A 18 -0.44 13.80 -21.66
CA GLU A 18 -1.59 14.66 -21.86
CA GLU A 18 -1.61 14.64 -21.88
C GLU A 18 -2.90 13.90 -21.53
N VAL A 19 -3.01 12.65 -21.97
CA VAL A 19 -4.21 11.84 -21.67
C VAL A 19 -4.37 11.65 -20.15
N LEU A 20 -3.28 11.33 -19.47
CA LEU A 20 -3.36 11.13 -18.00
C LEU A 20 -3.70 12.42 -17.29
N LYS A 21 -3.12 13.55 -17.73
CA LYS A 21 -3.42 14.83 -17.07
C LYS A 21 -4.91 15.19 -17.20
N GLU A 22 -5.45 14.97 -18.40
CA GLU A 22 -6.83 15.30 -18.68
C GLU A 22 -7.76 14.38 -17.88
N ALA A 23 -7.43 13.09 -17.81
CA ALA A 23 -8.23 12.15 -17.00
C ALA A 23 -8.29 12.60 -15.52
N LEU A 24 -7.16 13.06 -14.98
CA LEU A 24 -7.13 13.53 -13.60
C LEU A 24 -7.75 14.92 -13.37
N SER A 25 -7.85 15.71 -14.42
CA SER A 25 -8.33 17.08 -14.33
C SER A 25 -9.85 17.23 -14.57
N ILE A 26 -10.42 16.34 -15.38
CA ILE A 26 -11.86 16.36 -15.63
C ILE A 26 -12.63 15.92 -14.38
N ASN A 27 -13.60 16.72 -13.95
CA ASN A 27 -14.39 16.42 -12.76
C ASN A 27 -15.85 16.01 -13.04
N ASP A 28 -16.15 15.76 -14.31
CA ASP A 28 -17.49 15.35 -14.70
C ASP A 28 -17.86 13.97 -14.11
N ARG A 29 -19.03 13.88 -13.48
CA ARG A 29 -19.51 12.62 -12.91
C ARG A 29 -19.62 11.48 -13.94
N GLY A 30 -20.18 11.73 -15.13
CA GLY A 30 -20.27 10.70 -16.15
C GLY A 30 -18.89 10.16 -16.58
N PHE A 31 -17.93 11.05 -16.76
CA PHE A 31 -16.58 10.64 -17.11
C PHE A 31 -16.00 9.79 -15.99
N ASN A 32 -16.10 10.26 -14.75
CA ASN A 32 -15.50 9.52 -13.61
C ASN A 32 -16.10 8.13 -13.48
N GLU A 33 -17.43 8.04 -13.60
CA GLU A 33 -18.09 6.73 -13.47
C GLU A 33 -17.63 5.76 -14.57
N ALA A 34 -17.50 6.27 -15.80
CA ALA A 34 -16.99 5.46 -16.92
C ALA A 34 -15.54 5.03 -16.70
N LEU A 35 -14.69 5.91 -16.17
CA LEU A 35 -13.32 5.54 -15.82
C LEU A 35 -13.29 4.43 -14.76
N PHE A 36 -14.13 4.56 -13.73
CA PHE A 36 -14.18 3.54 -12.66
C PHE A 36 -14.67 2.20 -13.25
N LYS A 37 -15.68 2.26 -14.11
CA LYS A 37 -16.19 1.05 -14.78
C LYS A 37 -15.11 0.36 -15.62
N LEU A 38 -14.38 1.14 -16.37
CA LEU A 38 -13.27 0.60 -17.18
C LEU A 38 -12.22 -0.10 -16.28
N ALA A 39 -11.80 0.54 -15.21
CA ALA A 39 -10.83 -0.07 -14.30
C ALA A 39 -11.37 -1.37 -13.68
N ASP A 40 -12.63 -1.33 -13.25
CA ASP A 40 -13.30 -2.51 -12.64
C ASP A 40 -13.29 -3.68 -13.64
N GLU A 41 -13.61 -3.39 -14.90
CA GLU A 41 -13.60 -4.42 -15.94
CA GLU A 41 -13.60 -4.44 -15.95
C GLU A 41 -12.20 -4.99 -16.23
N ILE A 42 -11.22 -4.11 -16.34
CA ILE A 42 -9.82 -4.52 -16.56
C ILE A 42 -9.36 -5.41 -15.40
N ARG A 43 -9.69 -4.98 -14.19
CA ARG A 43 -9.40 -5.80 -13.00
C ARG A 43 -10.03 -7.21 -13.14
N ARG A 44 -11.32 -7.29 -13.43
CA ARG A 44 -11.94 -8.61 -13.56
C ARG A 44 -11.27 -9.46 -14.65
N LYS A 45 -11.00 -8.87 -15.79
CA LYS A 45 -10.44 -9.62 -16.92
C LYS A 45 -9.02 -10.14 -16.64
N TYR A 46 -8.18 -9.33 -16.00
CA TYR A 46 -6.80 -9.68 -15.79
C TYR A 46 -6.46 -10.41 -14.49
N VAL A 47 -7.09 -10.00 -13.39
CA VAL A 47 -6.82 -10.62 -12.10
C VAL A 47 -8.03 -11.33 -11.43
N GLY A 48 -9.19 -11.30 -12.07
CA GLY A 48 -10.33 -12.13 -11.64
C GLY A 48 -11.01 -11.55 -10.44
N ASP A 49 -11.86 -12.38 -9.83
CA ASP A 49 -12.73 -11.97 -8.71
C ASP A 49 -12.16 -12.28 -7.33
N GLU A 50 -11.02 -12.96 -7.27
CA GLU A 50 -10.36 -13.23 -6.00
CA GLU A 50 -10.31 -13.22 -6.01
C GLU A 50 -9.82 -11.91 -5.40
N VAL A 51 -10.08 -11.71 -4.11
CA VAL A 51 -9.54 -10.58 -3.37
C VAL A 51 -8.57 -11.20 -2.36
N HIS A 52 -7.30 -10.85 -2.49
CA HIS A 52 -6.25 -11.44 -1.70
C HIS A 52 -6.14 -10.73 -0.36
N ILE A 53 -6.10 -11.55 0.69
CA ILE A 53 -6.05 -11.06 2.06
C ILE A 53 -4.60 -11.11 2.56
N ARG A 54 -4.08 -9.94 2.94
CA ARG A 54 -2.73 -9.83 3.49
C ARG A 54 -2.86 -9.40 4.95
N ALA A 55 -2.61 -10.30 5.89
CA ALA A 55 -2.75 -9.96 7.31
C ALA A 55 -1.54 -9.13 7.78
N ILE A 56 -1.77 -7.89 8.18
CA ILE A 56 -0.70 -6.99 8.58
C ILE A 56 -0.53 -6.90 10.12
N ILE A 57 0.71 -7.12 10.58
CA ILE A 57 1.15 -6.92 11.99
C ILE A 57 2.13 -5.74 12.01
N GLU A 58 1.67 -4.65 12.66
CA GLU A 58 2.45 -3.45 12.80
C GLU A 58 3.18 -3.60 14.13
N PHE A 59 4.40 -4.15 14.08
CA PHE A 59 5.02 -4.77 15.27
C PHE A 59 5.82 -3.80 16.16
N SER A 60 6.12 -2.61 15.64
CA SER A 60 6.83 -1.56 16.37
C SER A 60 6.49 -0.19 15.75
N ASN A 61 6.25 0.81 16.61
CA ASN A 61 6.03 2.17 16.13
C ASN A 61 7.24 3.05 16.43
N VAL A 62 8.37 2.42 16.78
CA VAL A 62 9.63 3.19 16.95
C VAL A 62 10.14 3.59 15.56
N CYS A 63 10.53 4.86 15.39
CA CYS A 63 11.13 5.28 14.13
C CYS A 63 12.25 6.27 14.31
N ARG A 64 13.34 6.05 13.55
CA ARG A 64 14.47 6.98 13.49
C ARG A 64 14.29 8.16 12.51
N LYS A 65 13.35 8.04 11.56
CA LYS A 65 13.15 9.10 10.55
C LYS A 65 12.14 10.14 11.04
N ASN A 66 12.06 11.27 10.34
CA ASN A 66 11.29 12.41 10.78
C ASN A 66 10.36 12.91 9.67
N CYS A 67 9.79 11.98 8.92
CA CYS A 67 8.90 12.34 7.78
C CYS A 67 7.84 13.32 8.22
N LEU A 68 7.60 14.39 7.44
CA LEU A 68 6.76 15.52 7.90
C LEU A 68 5.29 15.17 8.06
N TYR A 69 4.85 14.14 7.33
CA TYR A 69 3.45 13.74 7.30
C TYR A 69 3.06 12.68 8.30
N CYS A 70 4.06 12.06 8.95
CA CYS A 70 3.84 10.80 9.68
C CYS A 70 3.78 10.97 11.19
N GLY A 71 2.74 10.43 11.81
CA GLY A 71 2.60 10.43 13.24
C GLY A 71 3.68 9.68 14.00
N LEU A 72 4.37 8.73 13.35
CA LEU A 72 5.46 8.01 14.02
C LEU A 72 6.82 8.76 13.97
N ARG A 73 6.86 9.92 13.29
CA ARG A 73 8.11 10.68 13.12
C ARG A 73 8.84 10.85 14.46
N ARG A 74 10.17 10.84 14.44
CA ARG A 74 10.90 10.75 15.71
C ARG A 74 10.65 11.94 16.63
N ASP A 75 10.35 13.11 16.06
CA ASP A 75 10.10 14.30 16.90
C ASP A 75 8.72 14.27 17.62
N ASN A 76 7.87 13.28 17.34
CA ASN A 76 6.60 13.19 18.05
C ASN A 76 6.78 12.59 19.43
N LYS A 77 6.83 13.47 20.43
CA LYS A 77 6.97 13.07 21.83
C LYS A 77 5.65 12.69 22.50
N ASN A 78 4.51 12.96 21.84
CA ASN A 78 3.17 12.70 22.39
CA ASN A 78 3.17 12.70 22.39
C ASN A 78 2.62 11.33 21.99
N LEU A 79 3.52 10.39 21.74
CA LEU A 79 3.13 9.04 21.29
C LEU A 79 3.82 8.04 22.18
N LYS A 80 3.05 7.15 22.78
CA LYS A 80 3.57 6.00 23.51
C LYS A 80 4.18 5.03 22.50
N ARG A 81 5.47 4.71 22.68
CA ARG A 81 6.15 3.80 21.76
C ARG A 81 6.05 2.37 22.29
N TYR A 82 5.99 1.40 21.37
CA TYR A 82 5.97 0.00 21.71
C TYR A 82 6.80 -0.84 20.73
N ARG A 83 7.19 -2.01 21.21
CA ARG A 83 7.83 -3.05 20.44
C ARG A 83 7.27 -4.39 20.86
N MET A 84 6.76 -5.15 19.89
CA MET A 84 6.43 -6.56 20.15
C MET A 84 7.71 -7.38 20.23
N THR A 85 7.69 -8.42 21.06
CA THR A 85 8.82 -9.32 21.15
C THR A 85 8.83 -10.23 19.94
N PRO A 86 9.99 -10.80 19.59
CA PRO A 86 10.01 -11.75 18.46
C PRO A 86 9.05 -12.91 18.64
N GLU A 87 8.94 -13.39 19.87
CA GLU A 87 8.02 -14.51 20.14
C GLU A 87 6.57 -14.09 19.93
N GLU A 88 6.21 -12.90 20.42
CA GLU A 88 4.85 -12.35 20.23
C GLU A 88 4.53 -12.23 18.76
N ILE A 89 5.50 -11.78 17.98
CA ILE A 89 5.25 -11.55 16.52
C ILE A 89 5.02 -12.89 15.80
N VAL A 90 5.86 -13.88 16.11
CA VAL A 90 5.70 -15.22 15.53
C VAL A 90 4.36 -15.85 15.87
N GLU A 91 3.99 -15.79 17.14
CA GLU A 91 2.76 -16.41 17.59
C GLU A 91 1.56 -15.65 17.07
N ARG A 92 1.68 -14.34 16.91
CA ARG A 92 0.59 -13.59 16.32
C ARG A 92 0.41 -13.94 14.82
N ALA A 93 1.52 -14.10 14.10
CA ALA A 93 1.49 -14.57 12.72
C ALA A 93 0.84 -15.95 12.66
N ARG A 94 1.22 -16.83 13.59
CA ARG A 94 0.62 -18.17 13.60
C ARG A 94 -0.92 -18.08 13.76
N LEU A 95 -1.39 -17.19 14.62
CA LEU A 95 -2.84 -17.00 14.78
C LEU A 95 -3.49 -16.54 13.48
N ALA A 96 -2.85 -15.62 12.76
CA ALA A 96 -3.36 -15.19 11.46
C ALA A 96 -3.47 -16.35 10.44
N VAL A 97 -2.45 -17.21 10.38
CA VAL A 97 -2.47 -18.39 9.52
C VAL A 97 -3.59 -19.37 9.96
N GLN A 98 -3.78 -19.51 11.27
CA GLN A 98 -4.88 -20.33 11.77
C GLN A 98 -6.24 -19.78 11.33
N PHE A 99 -6.35 -18.45 11.17
CA PHE A 99 -7.59 -17.78 10.71
C PHE A 99 -7.71 -17.75 9.19
N GLY A 100 -6.70 -18.26 8.48
CA GLY A 100 -6.76 -18.44 7.05
C GLY A 100 -5.90 -17.45 6.25
N ALA A 101 -5.08 -16.62 6.92
CA ALA A 101 -4.20 -15.71 6.16
C ALA A 101 -3.18 -16.53 5.37
N LYS A 102 -3.02 -16.18 4.08
CA LYS A 102 -2.05 -16.81 3.18
C LYS A 102 -0.79 -15.96 2.92
N THR A 103 -0.87 -14.67 3.29
CA THR A 103 0.29 -13.75 3.37
C THR A 103 0.28 -13.08 4.75
N ILE A 104 1.46 -12.98 5.37
CA ILE A 104 1.69 -12.19 6.56
C ILE A 104 2.57 -11.01 6.15
N VAL A 105 2.12 -9.81 6.51
CA VAL A 105 2.87 -8.59 6.31
C VAL A 105 3.40 -8.10 7.64
N LEU A 106 4.71 -7.89 7.73
CA LEU A 106 5.33 -7.30 8.90
C LEU A 106 5.71 -5.85 8.57
N GLN A 107 5.12 -4.91 9.28
CA GLN A 107 5.36 -3.49 9.06
C GLN A 107 5.78 -2.82 10.36
N SER A 108 6.66 -1.83 10.24
CA SER A 108 7.10 -1.04 11.39
C SER A 108 7.60 0.33 10.97
N GLY A 109 7.82 1.17 11.98
CA GLY A 109 8.69 2.31 11.79
C GLY A 109 10.09 1.79 11.50
N GLU A 110 10.97 2.68 11.07
CA GLU A 110 12.38 2.35 10.95
C GLU A 110 13.03 2.24 12.32
N ASP A 111 12.82 1.07 12.91
CA ASP A 111 13.27 0.77 14.28
C ASP A 111 14.55 -0.05 14.23
N PRO A 112 15.70 0.55 14.58
CA PRO A 112 16.93 -0.21 14.44
C PRO A 112 17.05 -1.50 15.26
N TYR A 113 16.31 -1.61 16.36
CA TYR A 113 16.50 -2.70 17.31
C TYR A 113 16.53 -4.10 16.66
N MET A 115 17.12 -4.90 13.45
CA MET A 115 17.70 -5.00 12.09
C MET A 115 19.18 -5.39 12.14
N PRO A 116 19.61 -6.38 11.34
CA PRO A 116 18.81 -7.23 10.47
C PRO A 116 18.43 -8.57 11.07
N ASP A 117 19.08 -8.98 12.15
CA ASP A 117 19.02 -10.39 12.52
C ASP A 117 17.75 -10.87 13.18
N VAL A 118 17.15 -10.05 14.02
CA VAL A 118 15.89 -10.47 14.66
C VAL A 118 14.79 -10.65 13.58
N ILE A 119 14.74 -9.74 12.60
CA ILE A 119 13.82 -9.87 11.47
C ILE A 119 14.08 -11.18 10.74
N SER A 120 15.34 -11.46 10.38
CA SER A 120 15.67 -12.73 9.76
C SER A 120 15.13 -13.94 10.54
N ASP A 121 15.32 -13.94 11.85
CA ASP A 121 14.90 -15.05 12.74
C ASP A 121 13.35 -15.20 12.66
N ILE A 122 12.64 -14.07 12.71
CA ILE A 122 11.19 -14.04 12.68
C ILE A 122 10.69 -14.56 11.35
N VAL A 123 11.29 -14.08 10.27
CA VAL A 123 10.88 -14.49 8.92
C VAL A 123 11.04 -15.99 8.72
N LYS A 124 12.16 -16.54 9.19
CA LYS A 124 12.42 -17.97 9.07
C LYS A 124 11.32 -18.76 9.76
N GLU A 125 10.90 -18.31 10.94
CA GLU A 125 9.85 -19.03 11.71
C GLU A 125 8.48 -18.98 11.06
N ILE A 126 8.13 -17.85 10.47
CA ILE A 126 6.85 -17.70 9.82
C ILE A 126 6.83 -18.49 8.51
N LYS A 127 7.96 -18.52 7.80
CA LYS A 127 8.02 -19.28 6.55
C LYS A 127 7.78 -20.77 6.78
N LYS A 128 8.08 -21.28 7.97
CA LYS A 128 7.75 -22.70 8.27
C LYS A 128 6.26 -23.02 8.18
N MET A 129 5.42 -22.00 8.29
CA MET A 129 3.96 -22.14 8.32
CA MET A 129 3.99 -22.25 8.28
C MET A 129 3.39 -22.27 6.91
N GLY A 130 4.24 -22.17 5.88
CA GLY A 130 3.77 -22.34 4.50
C GLY A 130 2.97 -21.23 3.86
N VAL A 131 3.27 -19.99 4.24
CA VAL A 131 2.61 -18.81 3.73
C VAL A 131 3.64 -17.83 3.16
N ALA A 132 3.16 -16.86 2.40
CA ALA A 132 4.00 -15.78 1.91
C ALA A 132 4.31 -14.77 3.03
N VAL A 133 5.55 -14.26 3.03
CA VAL A 133 5.94 -13.19 3.93
C VAL A 133 6.31 -11.94 3.13
N THR A 134 5.68 -10.84 3.55
CA THR A 134 5.95 -9.52 3.01
C THR A 134 6.50 -8.62 4.10
N LEU A 135 7.58 -7.91 3.78
CA LEU A 135 8.16 -6.93 4.71
C LEU A 135 7.88 -5.49 4.29
N SER A 136 7.69 -4.62 5.30
CA SER A 136 7.50 -3.19 5.07
C SER A 136 8.19 -2.43 6.20
N LEU A 137 9.52 -2.32 6.10
CA LEU A 137 10.36 -1.84 7.19
C LEU A 137 11.12 -0.56 6.87
N GLY A 138 10.91 0.03 5.69
CA GLY A 138 11.62 1.21 5.29
C GLY A 138 12.92 0.96 4.53
N GLU A 139 13.81 1.95 4.59
CA GLU A 139 15.06 2.01 3.86
C GLU A 139 16.21 1.48 4.70
N TRP A 140 16.87 0.45 4.18
CA TRP A 140 17.99 -0.22 4.82
C TRP A 140 19.03 -0.56 3.77
N PRO A 141 20.24 -0.88 4.23
CA PRO A 141 21.29 -1.28 3.31
C PRO A 141 20.96 -2.53 2.51
N ARG A 142 21.55 -2.62 1.32
CA ARG A 142 21.40 -3.79 0.47
CA ARG A 142 21.41 -3.79 0.47
C ARG A 142 21.64 -5.08 1.25
N GLU A 143 22.67 -5.08 2.10
CA GLU A 143 23.02 -6.29 2.87
C GLU A 143 21.85 -6.79 3.74
N TYR A 144 21.05 -5.87 4.30
CA TYR A 144 19.89 -6.25 5.12
C TYR A 144 18.82 -6.89 4.24
N TYR A 145 18.50 -6.23 3.13
CA TYR A 145 17.54 -6.77 2.18
C TYR A 145 17.96 -8.17 1.70
N GLU A 146 19.26 -8.36 1.46
CA GLU A 146 19.78 -9.66 1.03
CA GLU A 146 19.78 -9.66 1.03
C GLU A 146 19.58 -10.73 2.10
N LYS A 147 19.87 -10.40 3.36
CA LYS A 147 19.74 -11.34 4.45
C LYS A 147 18.25 -11.75 4.63
N TRP A 148 17.34 -10.77 4.47
CA TRP A 148 15.91 -11.08 4.63
C TRP A 148 15.39 -11.96 3.48
N LYS A 149 15.96 -11.79 2.29
CA LYS A 149 15.59 -12.59 1.15
C LYS A 149 16.07 -14.02 1.37
N GLU A 150 17.29 -14.17 1.86
CA GLU A 150 17.86 -15.47 2.19
C GLU A 150 17.09 -16.17 3.31
N ALA A 151 16.55 -15.39 4.26
CA ALA A 151 15.74 -15.90 5.34
C ALA A 151 14.38 -16.41 4.85
N GLY A 152 14.00 -16.03 3.63
CA GLY A 152 12.75 -16.49 3.02
C GLY A 152 11.68 -15.45 2.68
N ALA A 153 11.96 -14.16 2.90
CA ALA A 153 10.96 -13.13 2.57
C ALA A 153 10.62 -13.15 1.09
N ASP A 154 9.34 -12.98 0.80
CA ASP A 154 8.83 -13.06 -0.56
C ASP A 154 8.63 -11.72 -1.23
N ARG A 155 8.13 -10.76 -0.48
CA ARG A 155 7.73 -9.46 -1.03
C ARG A 155 8.19 -8.31 -0.11
N TYR A 156 8.28 -7.10 -0.68
CA TYR A 156 8.65 -5.89 0.10
C TYR A 156 7.81 -4.73 -0.39
N LEU A 157 7.19 -3.99 0.53
CA LEU A 157 6.43 -2.79 0.24
C LEU A 157 7.25 -1.58 0.64
N LEU A 158 7.49 -0.72 -0.32
CA LEU A 158 8.24 0.51 -0.08
C LEU A 158 7.68 1.58 -1.00
N ARG A 159 6.61 2.23 -0.55
CA ARG A 159 5.96 3.23 -1.40
C ARG A 159 6.97 4.32 -1.75
N HIS A 160 6.93 4.78 -3.00
CA HIS A 160 7.84 5.85 -3.45
C HIS A 160 7.40 7.22 -2.91
N GLU A 161 6.14 7.34 -2.47
CA GLU A 161 5.58 8.49 -1.74
C GLU A 161 5.23 9.65 -2.66
N THR A 162 6.24 10.15 -3.37
CA THR A 162 6.09 11.15 -4.42
C THR A 162 7.28 11.08 -5.34
N ALA A 163 7.02 11.14 -6.65
CA ALA A 163 8.06 11.02 -7.67
C ALA A 163 8.67 12.43 -7.95
N ASN A 164 8.19 13.45 -7.26
CA ASN A 164 8.82 14.80 -7.37
C ASN A 164 10.04 14.87 -6.43
N PRO A 165 11.27 14.90 -7.01
CA PRO A 165 12.42 14.82 -6.08
C PRO A 165 12.54 16.02 -5.13
N VAL A 166 12.12 17.20 -5.56
CA VAL A 166 12.19 18.37 -4.67
C VAL A 166 11.19 18.25 -3.51
N LEU A 167 9.96 17.86 -3.81
CA LEU A 167 8.97 17.67 -2.79
C LEU A 167 9.34 16.51 -1.86
N HIS A 168 9.87 15.44 -2.43
CA HIS A 168 10.27 14.25 -1.65
C HIS A 168 11.30 14.62 -0.56
N ARG A 169 12.35 15.35 -0.97
CA ARG A 169 13.41 15.77 -0.05
C ARG A 169 12.90 16.66 1.07
N LYS A 170 11.93 17.51 0.74
CA LYS A 170 11.33 18.38 1.75
C LYS A 170 10.46 17.66 2.77
N LEU A 171 9.70 16.68 2.30
CA LEU A 171 8.78 15.96 3.18
C LEU A 171 9.51 14.86 3.96
N ARG A 172 10.68 14.45 3.47
CA ARG A 172 11.37 13.30 4.02
C ARG A 172 12.83 13.71 4.19
N PRO A 173 13.08 14.60 5.15
CA PRO A 173 14.37 15.32 5.25
C PRO A 173 15.59 14.45 5.60
N ASP A 174 15.39 13.21 6.01
CA ASP A 174 16.50 12.29 6.26
C ASP A 174 17.06 11.63 5.02
N THR A 175 16.34 11.72 3.89
CA THR A 175 16.63 10.94 2.74
C THR A 175 16.26 11.67 1.44
N SER A 176 16.02 10.91 0.37
CA SER A 176 15.79 11.47 -0.96
C SER A 176 15.02 10.50 -1.84
N PHE A 177 14.44 11.02 -2.92
CA PHE A 177 13.87 10.20 -3.95
C PHE A 177 14.89 9.22 -4.55
N GLU A 178 16.12 9.71 -4.78
CA GLU A 178 17.18 8.88 -5.33
C GLU A 178 17.41 7.65 -4.46
N ASN A 179 17.50 7.85 -3.16
CA ASN A 179 17.63 6.75 -2.20
C ASN A 179 16.44 5.81 -2.28
N ARG A 180 15.23 6.36 -2.22
CA ARG A 180 14.01 5.52 -2.29
C ARG A 180 14.01 4.63 -3.53
N LEU A 181 14.32 5.23 -4.67
CA LEU A 181 14.33 4.49 -5.91
C LEU A 181 15.44 3.46 -5.91
N ASN A 182 16.61 3.82 -5.38
CA ASN A 182 17.71 2.86 -5.28
C ASN A 182 17.31 1.64 -4.43
N CYS A 183 16.62 1.88 -3.33
CA CYS A 183 16.07 0.79 -2.52
C CYS A 183 15.12 -0.12 -3.33
N LEU A 184 14.19 0.49 -4.09
CA LEU A 184 13.20 -0.26 -4.88
C LEU A 184 13.90 -1.08 -5.97
N LEU A 185 14.89 -0.49 -6.64
CA LEU A 185 15.65 -1.20 -7.66
C LEU A 185 16.45 -2.36 -7.08
N THR A 186 17.02 -2.16 -5.89
CA THR A 186 17.75 -3.22 -5.20
C THR A 186 16.83 -4.38 -4.80
N LEU A 187 15.68 -4.05 -4.23
CA LEU A 187 14.71 -5.07 -3.89
C LEU A 187 14.35 -5.94 -5.11
N LYS A 188 14.05 -5.29 -6.25
CA LYS A 188 13.70 -5.99 -7.48
CA LYS A 188 13.69 -6.00 -7.48
C LYS A 188 14.84 -6.90 -7.95
N GLU A 189 16.06 -6.39 -7.87
CA GLU A 189 17.25 -7.13 -8.33
C GLU A 189 17.46 -8.41 -7.50
N LEU A 190 17.13 -8.31 -6.22
CA LEU A 190 17.25 -9.41 -5.28
C LEU A 190 16.15 -10.47 -5.43
N GLY A 191 15.14 -10.19 -6.24
CA GLY A 191 14.08 -11.13 -6.55
C GLY A 191 12.82 -10.98 -5.72
N TYR A 192 12.73 -9.94 -4.90
CA TYR A 192 11.46 -9.64 -4.23
C TYR A 192 10.36 -9.30 -5.22
N GLU A 193 9.14 -9.69 -4.91
CA GLU A 193 7.98 -9.04 -5.49
CA GLU A 193 7.98 -9.03 -5.50
C GLU A 193 7.95 -7.68 -4.80
N THR A 194 7.97 -6.61 -5.58
CA THR A 194 8.11 -5.28 -5.04
C THR A 194 6.91 -4.38 -5.22
N GLY A 195 6.57 -3.68 -4.14
CA GLY A 195 5.51 -2.70 -4.11
C GLY A 195 5.96 -1.26 -3.96
N ALA A 196 5.40 -0.40 -4.80
CA ALA A 196 5.64 1.04 -4.73
C ALA A 196 4.31 1.72 -4.47
N GLY A 197 4.19 2.99 -4.84
CA GLY A 197 2.93 3.71 -4.62
C GLY A 197 3.18 5.02 -3.92
N SER A 198 2.10 5.73 -3.66
CA SER A 198 2.20 7.15 -3.27
C SER A 198 1.02 7.64 -2.48
N MET A 199 1.18 8.81 -1.86
CA MET A 199 0.06 9.52 -1.25
C MET A 199 -0.47 10.56 -2.25
N VAL A 200 -1.76 10.82 -2.13
CA VAL A 200 -2.47 11.76 -2.99
C VAL A 200 -2.94 12.95 -2.13
N GLY A 201 -2.62 14.15 -2.58
CA GLY A 201 -3.03 15.35 -1.87
C GLY A 201 -2.03 15.85 -0.84
N LEU A 202 -0.77 15.50 -0.99
CA LEU A 202 0.27 16.06 -0.12
C LEU A 202 0.38 17.59 -0.35
N PRO A 203 0.72 18.33 0.71
CA PRO A 203 0.91 19.79 0.55
C PRO A 203 1.97 20.05 -0.50
N GLY A 204 1.65 20.87 -1.50
CA GLY A 204 2.59 21.19 -2.58
C GLY A 204 2.53 20.30 -3.80
N GLN A 205 1.73 19.24 -3.72
CA GLN A 205 1.73 18.26 -4.79
C GLN A 205 0.67 18.70 -5.80
N THR A 206 1.04 18.68 -7.07
CA THR A 206 0.14 19.10 -8.16
C THR A 206 -0.40 17.92 -8.98
N ILE A 207 -1.39 18.18 -9.84
CA ILE A 207 -1.90 17.17 -10.78
C ILE A 207 -0.78 16.65 -11.67
N ASP A 208 0.10 17.55 -12.12
CA ASP A 208 1.27 17.14 -12.91
C ASP A 208 2.16 16.15 -12.13
N ASP A 209 2.31 16.39 -10.83
CA ASP A 209 3.02 15.47 -9.93
C ASP A 209 2.37 14.11 -9.89
N LEU A 210 1.03 14.09 -9.80
CA LEU A 210 0.28 12.84 -9.85
C LEU A 210 0.50 12.09 -11.18
N VAL A 211 0.47 12.81 -12.31
CA VAL A 211 0.80 12.21 -13.58
C VAL A 211 2.19 11.59 -13.57
N ASP A 212 3.16 12.30 -12.98
CA ASP A 212 4.51 11.76 -12.88
C ASP A 212 4.53 10.49 -12.04
N ASP A 213 3.69 10.41 -11.00
CA ASP A 213 3.60 9.18 -10.20
C ASP A 213 3.14 8.01 -11.05
N LEU A 214 2.07 8.23 -11.82
CA LEU A 214 1.56 7.21 -12.74
C LEU A 214 2.62 6.75 -13.74
N LEU A 215 3.32 7.71 -14.34
CA LEU A 215 4.37 7.41 -15.29
C LEU A 215 5.56 6.63 -14.68
N PHE A 216 5.92 6.96 -13.44
CA PHE A 216 6.93 6.27 -12.70
C PHE A 216 6.53 4.80 -12.45
N LEU A 217 5.29 4.59 -12.04
CA LEU A 217 4.79 3.23 -11.82
C LEU A 217 4.81 2.43 -13.12
N LYS A 218 4.36 3.02 -14.22
CA LYS A 218 4.39 2.36 -15.50
C LYS A 218 5.81 2.02 -15.95
N GLU A 219 6.74 2.95 -15.72
CA GLU A 219 8.14 2.77 -16.13
C GLU A 219 8.76 1.54 -15.46
N HIS A 220 8.48 1.34 -14.17
CA HIS A 220 9.16 0.30 -13.38
C HIS A 220 8.37 -1.01 -13.27
N ASP A 221 7.12 -1.01 -13.72
CA ASP A 221 6.32 -2.22 -13.79
C ASP A 221 6.21 -2.97 -12.47
N PHE A 222 5.93 -2.24 -11.39
CA PHE A 222 5.88 -2.82 -10.06
C PHE A 222 4.86 -3.92 -9.94
N ASP A 223 5.14 -4.87 -9.08
CA ASP A 223 4.21 -5.97 -8.82
C ASP A 223 3.01 -5.53 -8.01
N MET A 224 3.23 -4.58 -7.11
CA MET A 224 2.17 -4.07 -6.24
CA MET A 224 2.17 -4.07 -6.24
C MET A 224 2.25 -2.55 -6.19
N VAL A 225 1.09 -1.90 -6.03
CA VAL A 225 1.02 -0.46 -5.92
C VAL A 225 0.02 -0.06 -4.84
N GLY A 226 0.53 0.59 -3.80
CA GLY A 226 -0.29 1.02 -2.67
C GLY A 226 -0.48 2.53 -2.72
N ILE A 227 -1.75 2.96 -2.78
CA ILE A 227 -2.13 4.38 -2.91
C ILE A 227 -3.16 4.73 -1.85
N GLY A 228 -2.95 5.86 -1.20
CA GLY A 228 -3.89 6.38 -0.26
C GLY A 228 -3.87 7.88 -0.21
N PRO A 229 -4.94 8.48 0.33
CA PRO A 229 -4.97 9.92 0.51
C PRO A 229 -4.05 10.34 1.66
N PHE A 230 -3.40 11.49 1.53
CA PHE A 230 -2.79 12.12 2.69
C PHE A 230 -3.82 12.53 3.76
N ILE A 231 -3.56 12.11 4.99
CA ILE A 231 -4.41 12.40 6.13
C ILE A 231 -3.58 13.12 7.20
N PRO A 232 -3.82 14.46 7.41
CA PRO A 232 -2.98 15.19 8.35
CA PRO A 232 -3.05 15.25 8.38
C PRO A 232 -3.07 14.70 9.80
N HIS A 233 -1.93 14.68 10.47
CA HIS A 233 -1.84 14.16 11.83
C HIS A 233 -1.52 15.35 12.74
N PRO A 234 -2.25 15.46 13.85
CA PRO A 234 -2.14 16.71 14.67
C PRO A 234 -0.80 16.94 15.37
N ASP A 235 0.00 15.90 15.51
CA ASP A 235 1.29 15.96 16.18
C ASP A 235 2.45 16.02 15.17
N THR A 236 2.19 16.61 14.01
CA THR A 236 3.19 16.74 12.99
C THR A 236 3.15 18.14 12.40
N PRO A 237 4.20 18.52 11.66
CA PRO A 237 4.24 19.86 11.05
C PRO A 237 3.20 20.14 9.99
N LEU A 238 2.57 19.07 9.47
CA LEU A 238 1.53 19.21 8.47
C LEU A 238 0.09 19.14 9.05
N ALA A 239 -0.04 19.30 10.36
CA ALA A 239 -1.31 19.22 11.08
C ALA A 239 -2.47 20.02 10.51
N ASN A 240 -2.18 21.22 10.00
CA ASN A 240 -3.22 22.16 9.51
C ASN A 240 -3.39 22.14 8.00
N GLU A 241 -2.76 21.18 7.34
CA GLU A 241 -2.85 21.11 5.91
C GLU A 241 -4.12 20.36 5.54
N LYS A 242 -4.50 20.49 4.29
CA LYS A 242 -5.72 19.87 3.80
C LYS A 242 -5.54 18.38 3.54
N LYS A 243 -6.57 17.63 3.89
CA LYS A 243 -6.65 16.21 3.59
CA LYS A 243 -6.58 16.20 3.59
C LYS A 243 -6.68 15.94 2.10
N GLY A 244 -6.15 14.80 1.67
CA GLY A 244 -6.31 14.36 0.30
C GLY A 244 -7.77 14.03 -0.04
N ASP A 245 -8.13 14.32 -1.29
CA ASP A 245 -9.50 14.08 -1.79
C ASP A 245 -9.73 12.62 -2.14
N PHE A 246 -10.80 12.05 -1.62
CA PHE A 246 -11.08 10.62 -1.88
C PHE A 246 -11.28 10.30 -3.38
N THR A 247 -12.06 11.11 -4.08
CA THR A 247 -12.39 10.81 -5.48
C THR A 247 -11.13 10.89 -6.34
N LEU A 248 -10.29 11.89 -6.11
CA LEU A 248 -9.01 12.01 -6.82
C LEU A 248 -8.09 10.83 -6.56
N THR A 249 -8.08 10.34 -5.31
CA THR A 249 -7.27 9.20 -4.94
C THR A 249 -7.82 7.94 -5.62
N LEU A 250 -9.14 7.84 -5.65
CA LEU A 250 -9.82 6.72 -6.32
C LEU A 250 -9.50 6.71 -7.82
N LYS A 251 -9.44 7.89 -8.44
CA LYS A 251 -9.04 7.98 -9.83
C LYS A 251 -7.59 7.52 -10.07
N MET A 252 -6.72 7.80 -9.11
CA MET A 252 -5.33 7.30 -9.17
C MET A 252 -5.27 5.78 -9.11
N VAL A 253 -6.08 5.19 -8.23
CA VAL A 253 -6.19 3.72 -8.19
C VAL A 253 -6.70 3.16 -9.54
N ALA A 254 -7.76 3.75 -10.09
CA ALA A 254 -8.34 3.29 -11.36
C ALA A 254 -7.33 3.38 -12.50
N LEU A 255 -6.66 4.50 -12.62
CA LEU A 255 -5.64 4.63 -13.65
C LEU A 255 -4.47 3.68 -13.51
N THR A 256 -4.08 3.40 -12.25
CA THR A 256 -3.01 2.46 -11.96
C THR A 256 -3.41 1.06 -12.49
N ARG A 257 -4.65 0.65 -12.24
CA ARG A 257 -5.17 -0.63 -12.79
C ARG A 257 -5.13 -0.67 -14.33
N ILE A 258 -5.60 0.42 -14.96
CA ILE A 258 -5.60 0.55 -16.38
C ILE A 258 -4.18 0.50 -16.94
N LEU A 259 -3.23 1.19 -16.28
CA LEU A 259 -1.80 1.19 -16.69
C LEU A 259 -1.04 -0.12 -16.44
N LEU A 260 -1.39 -0.81 -15.36
CA LEU A 260 -0.70 -2.02 -14.91
C LEU A 260 -1.74 -3.13 -14.64
N PRO A 261 -2.31 -3.72 -15.73
CA PRO A 261 -3.55 -4.48 -15.54
C PRO A 261 -3.42 -5.76 -14.76
N ASP A 262 -2.20 -6.31 -14.64
CA ASP A 262 -1.98 -7.56 -13.92
C ASP A 262 -1.29 -7.33 -12.58
N SER A 263 -1.30 -6.10 -12.10
CA SER A 263 -0.65 -5.80 -10.79
C SER A 263 -1.58 -6.11 -9.64
N ASN A 264 -1.01 -6.21 -8.44
CA ASN A 264 -1.79 -6.37 -7.24
C ASN A 264 -1.92 -5.00 -6.60
N ILE A 265 -3.14 -4.55 -6.38
CA ILE A 265 -3.43 -3.19 -5.89
C ILE A 265 -4.37 -3.22 -4.69
N PRO A 266 -3.89 -2.83 -3.48
CA PRO A 266 -4.76 -2.82 -2.31
CA PRO A 266 -4.77 -2.82 -2.31
C PRO A 266 -5.79 -1.70 -2.27
N ALA A 267 -6.91 -1.99 -1.59
CA ALA A 267 -7.85 -0.99 -1.14
C ALA A 267 -7.35 -0.62 0.27
N THR A 268 -6.60 0.48 0.36
CA THR A 268 -5.84 0.79 1.58
C THR A 268 -6.71 1.24 2.75
N THR A 269 -6.19 1.03 3.94
CA THR A 269 -6.90 1.43 5.14
C THR A 269 -7.16 2.94 5.18
N ALA A 270 -6.24 3.75 4.67
CA ALA A 270 -6.47 5.20 4.56
C ALA A 270 -7.74 5.53 3.74
N MET A 271 -8.01 4.74 2.69
CA MET A 271 -9.25 4.97 1.92
C MET A 271 -10.48 4.70 2.77
N GLY A 272 -10.43 3.71 3.65
CA GLY A 272 -11.53 3.41 4.56
C GLY A 272 -11.67 4.34 5.74
N THR A 273 -10.61 5.04 6.02
CA THR A 273 -10.57 6.02 7.09
C THR A 273 -11.19 7.34 6.67
N ILE A 274 -10.93 7.81 5.46
CA ILE A 274 -11.45 9.14 5.07
C ILE A 274 -12.91 9.13 4.58
N VAL A 275 -13.40 7.99 4.12
CA VAL A 275 -14.83 7.81 3.74
C VAL A 275 -15.34 6.48 4.29
N PRO A 276 -16.49 6.50 5.00
CA PRO A 276 -17.08 5.22 5.41
C PRO A 276 -17.38 4.34 4.23
N GLY A 277 -16.87 3.12 4.24
CA GLY A 277 -17.01 2.25 3.07
C GLY A 277 -16.05 2.50 1.94
N GLY A 278 -14.99 3.26 2.23
CA GLY A 278 -14.00 3.62 1.19
C GLY A 278 -13.26 2.42 0.61
N ARG A 279 -12.93 1.42 1.42
CA ARG A 279 -12.23 0.28 0.87
C ARG A 279 -13.10 -0.53 -0.12
N GLU A 280 -14.39 -0.71 0.22
CA GLU A 280 -15.34 -1.43 -0.63
C GLU A 280 -15.47 -0.74 -1.98
N ILE A 281 -15.53 0.59 -1.97
CA ILE A 281 -15.61 1.37 -3.21
C ILE A 281 -14.35 1.09 -4.03
N THR A 282 -13.22 1.10 -3.36
CA THR A 282 -11.93 0.98 -4.05
C THR A 282 -11.76 -0.40 -4.70
N LEU A 283 -12.25 -1.43 -4.02
CA LEU A 283 -12.28 -2.80 -4.57
C LEU A 283 -13.11 -2.94 -5.83
N ARG A 284 -14.01 -1.98 -6.07
CA ARG A 284 -14.88 -1.96 -7.22
C ARG A 284 -14.42 -0.99 -8.29
N CYS A 285 -13.26 -0.39 -8.09
CA CYS A 285 -12.69 0.61 -9.02
C CYS A 285 -11.25 0.26 -9.38
N GLY A 286 -10.87 -1.03 -9.26
CA GLY A 286 -9.53 -1.43 -9.69
C GLY A 286 -8.73 -2.25 -8.71
N ALA A 287 -9.04 -2.12 -7.42
CA ALA A 287 -8.28 -2.83 -6.39
C ALA A 287 -8.69 -4.30 -6.30
N ASN A 288 -7.76 -5.15 -5.86
CA ASN A 288 -7.99 -6.61 -5.74
C ASN A 288 -7.31 -7.23 -4.51
N VAL A 289 -6.84 -6.39 -3.59
CA VAL A 289 -6.16 -6.85 -2.36
C VAL A 289 -6.68 -6.05 -1.18
N ILE A 290 -6.72 -6.66 0.00
CA ILE A 290 -7.06 -5.96 1.23
C ILE A 290 -6.16 -6.44 2.35
N MET A 291 -5.83 -5.53 3.28
CA MET A 291 -4.87 -5.83 4.33
CA MET A 291 -4.88 -5.82 4.36
C MET A 291 -5.55 -5.62 5.72
N PRO A 292 -6.24 -6.65 6.23
CA PRO A 292 -6.90 -6.50 7.54
C PRO A 292 -5.87 -6.29 8.65
N ASN A 293 -6.19 -5.39 9.58
CA ASN A 293 -5.28 -5.05 10.69
C ASN A 293 -5.20 -6.22 11.69
N TRP A 294 -4.03 -6.84 11.78
CA TRP A 294 -3.79 -7.94 12.71
C TRP A 294 -2.84 -7.55 13.86
N THR A 295 -2.65 -6.25 14.09
CA THR A 295 -1.87 -5.82 15.24
C THR A 295 -2.66 -6.08 16.51
N PRO A 296 -2.02 -6.70 17.53
CA PRO A 296 -2.74 -7.04 18.74
C PRO A 296 -2.97 -5.85 19.64
N SER A 297 -4.01 -5.95 20.46
CA SER A 297 -4.15 -5.06 21.59
C SER A 297 -2.96 -5.32 22.55
N PRO A 298 -2.46 -4.28 23.22
CA PRO A 298 -2.98 -2.93 23.31
C PRO A 298 -2.25 -1.96 22.41
N TYR A 299 -1.67 -2.47 21.33
CA TYR A 299 -0.81 -1.65 20.46
C TYR A 299 -1.49 -1.03 19.23
N ARG A 300 -2.64 -1.56 18.80
CA ARG A 300 -3.29 -1.05 17.58
C ARG A 300 -3.43 0.44 17.59
N GLN A 301 -3.96 1.00 18.69
CA GLN A 301 -4.22 2.44 18.73
C GLN A 301 -2.96 3.27 18.77
N LEU A 302 -1.83 2.62 19.03
CA LEU A 302 -0.54 3.33 19.08
C LEU A 302 0.17 3.41 17.72
N TYR A 303 -0.30 2.65 16.74
CA TYR A 303 0.32 2.71 15.43
C TYR A 303 -0.37 3.77 14.60
N GLN A 304 -0.01 5.03 14.89
CA GLN A 304 -0.75 6.19 14.38
C GLN A 304 -0.06 6.95 13.30
N LEU A 305 0.11 6.34 12.13
CA LEU A 305 0.64 7.04 10.97
C LEU A 305 -0.20 8.30 10.72
N TYR A 306 -1.52 8.11 10.77
CA TYR A 306 -2.54 9.14 10.64
C TYR A 306 -3.59 8.86 11.68
N PRO A 307 -4.34 9.89 12.10
CA PRO A 307 -5.39 9.74 13.12
C PRO A 307 -6.70 9.12 12.58
N GLY A 308 -7.55 8.69 13.52
CA GLY A 308 -8.88 8.17 13.20
C GLY A 308 -8.90 6.84 12.46
N LYS A 309 -7.79 6.11 12.49
CA LYS A 309 -7.72 4.91 11.70
C LYS A 309 -8.83 3.93 12.09
N ILE A 310 -9.50 3.36 11.09
CA ILE A 310 -10.60 2.41 11.41
C ILE A 310 -10.06 1.15 12.11
N CYS A 311 -10.95 0.48 12.85
CA CYS A 311 -10.70 -0.86 13.42
C CYS A 311 -9.87 -0.88 14.70
N VAL A 312 -9.35 0.28 15.11
CA VAL A 312 -8.43 0.35 16.25
C VAL A 312 -9.07 0.04 17.60
N PHE A 313 -10.39 0.24 17.68
CA PHE A 313 -11.13 -0.02 18.91
C PHE A 313 -11.69 -1.43 19.00
N GLU A 314 -11.52 -2.24 17.94
CA GLU A 314 -12.16 -3.55 17.91
C GLU A 314 -11.30 -4.61 18.58
N LYS A 315 -11.92 -5.67 19.04
CA LYS A 315 -11.23 -6.90 19.43
C LYS A 315 -10.27 -7.26 18.31
N ASP A 316 -9.08 -7.71 18.66
CA ASP A 316 -7.99 -7.65 17.71
C ASP A 316 -7.99 -8.79 16.71
N THR A 317 -8.95 -9.69 16.81
CA THR A 317 -9.14 -10.76 15.80
C THR A 317 -10.31 -10.43 14.84
N ALA A 318 -10.85 -9.23 14.93
CA ALA A 318 -12.07 -8.88 14.23
C ALA A 318 -11.90 -8.79 12.69
N CYS A 319 -10.74 -8.33 12.24
CA CYS A 319 -10.65 -7.86 10.86
C CYS A 319 -10.53 -8.96 9.81
N ILE A 320 -9.99 -10.13 10.15
CA ILE A 320 -9.97 -11.20 9.15
C ILE A 320 -11.39 -11.67 8.87
N PRO A 321 -12.18 -11.99 9.90
CA PRO A 321 -13.56 -12.38 9.56
C PRO A 321 -14.36 -11.27 8.88
N CYS A 322 -14.11 -10.03 9.31
CA CYS A 322 -14.80 -8.88 8.72
CA CYS A 322 -14.77 -8.87 8.71
C CYS A 322 -14.52 -8.76 7.21
N VAL A 323 -13.25 -8.88 6.81
CA VAL A 323 -12.94 -8.77 5.39
C VAL A 323 -13.47 -10.00 4.61
N MET A 324 -13.58 -11.16 5.25
CA MET A 324 -14.19 -12.27 4.57
CA MET A 324 -14.22 -12.34 4.64
C MET A 324 -15.65 -12.01 4.26
N LYS A 325 -16.37 -11.41 5.20
CA LYS A 325 -17.76 -10.99 4.97
C LYS A 325 -17.84 -9.95 3.87
N MET A 326 -16.93 -8.97 3.90
CA MET A 326 -16.87 -7.93 2.88
C MET A 326 -16.72 -8.50 1.49
N ILE A 327 -15.76 -9.41 1.33
CA ILE A 327 -15.48 -10.06 0.04
C ILE A 327 -16.76 -10.75 -0.49
N GLU A 328 -17.46 -11.45 0.39
CA GLU A 328 -18.72 -12.12 0.01
C GLU A 328 -19.83 -11.14 -0.38
N LEU A 329 -20.01 -10.07 0.40
CA LEU A 329 -21.10 -9.15 0.09
C LEU A 329 -20.80 -8.34 -1.18
N LEU A 330 -19.52 -8.23 -1.54
CA LEU A 330 -19.10 -7.60 -2.82
C LEU A 330 -19.29 -8.54 -4.02
N GLY A 331 -19.72 -9.78 -3.80
CA GLY A 331 -19.83 -10.78 -4.85
C GLY A 331 -18.50 -11.29 -5.36
N ARG A 332 -17.49 -11.26 -4.50
CA ARG A 332 -16.12 -11.61 -4.86
C ARG A 332 -15.74 -12.92 -4.17
N LYS A 333 -14.51 -13.42 -4.35
CA LYS A 333 -14.10 -14.70 -3.72
C LYS A 333 -12.79 -14.53 -2.94
N PRO A 334 -12.54 -15.35 -1.91
CA PRO A 334 -11.23 -15.18 -1.29
C PRO A 334 -10.12 -15.81 -2.13
N GLY A 335 -8.91 -15.30 -1.98
CA GLY A 335 -7.75 -15.86 -2.66
C GLY A 335 -7.54 -17.31 -2.30
N ARG A 336 -7.26 -18.15 -3.30
CA ARG A 336 -7.06 -19.60 -3.09
C ARG A 336 -5.58 -19.99 -2.82
N ASP A 337 -4.66 -19.14 -3.22
CA ASP A 337 -3.22 -19.40 -3.10
C ASP A 337 -2.55 -18.17 -2.47
N TRP A 338 -1.24 -18.01 -2.60
CA TRP A 338 -0.57 -16.87 -1.97
C TRP A 338 -0.85 -15.53 -2.65
N GLY A 339 -1.47 -15.57 -3.83
CA GLY A 339 -1.84 -14.34 -4.53
C GLY A 339 -0.64 -13.57 -5.07
N GLY A 340 0.39 -14.31 -5.52
CA GLY A 340 1.50 -13.66 -6.18
C GLY A 340 1.10 -13.09 -7.53
N ARG A 341 1.89 -12.17 -8.05
CA ARG A 341 1.50 -11.58 -9.33
C ARG A 341 1.53 -12.64 -10.41
N LYS A 342 0.46 -12.69 -11.22
CA LYS A 342 0.30 -13.62 -12.34
C LYS A 342 0.43 -12.80 -13.64
N ARG A 343 1.67 -12.65 -14.11
CA ARG A 343 1.94 -11.81 -15.28
C ARG A 343 1.22 -12.30 -16.53
N VAL A 344 0.57 -11.37 -17.23
CA VAL A 344 -0.01 -11.59 -18.55
C VAL A 344 0.85 -10.77 -19.53
N PHE A 345 1.73 -11.46 -20.27
CA PHE A 345 2.63 -10.82 -21.25
C PHE A 345 1.82 -10.39 -22.46
N GLU A 346 2.05 -9.16 -22.91
CA GLU A 346 1.31 -8.63 -24.05
C GLU A 346 2.20 -7.75 -24.91
N THR A 347 1.62 -6.77 -25.61
CA THR A 347 2.37 -5.92 -26.58
C THR A 347 2.40 -4.44 -26.12
#